data_6NU8
#
_entry.id   6NU8
#
_cell.length_a   103.860
_cell.length_b   103.860
_cell.length_c   102.000
_cell.angle_alpha   90.00
_cell.angle_beta   90.00
_cell.angle_gamma   90.00
#
_symmetry.space_group_name_H-M   'P 4 21 2'
#
loop_
_entity.id
_entity.type
_entity.pdbx_description
1 polymer 'Sucrose-6-phosphate hydrolase'
2 non-polymer beta-D-fructofuranose
3 non-polymer 1,2-ETHANEDIOL
4 water water
#
_entity_poly.entity_id   1
_entity_poly.type   'polypeptide(L)'
_entity_poly.pdbx_seq_one_letter_code
;MEWTREQRYRKYKDWDAQTLLDLQAQAATSPYQMHYHIHPLSGLLNDPNGFSYYNGEYHLFCQSYPFGPVHGVKSWIHFA
SPDLVHWHYLGPAIDPDSDLDNAGAYSGSAMEHNGKLLLMYTGNHRDEDWTRIPYQVIAEMDENNHITKPDAAAILPPEH
VSEHFRDPQLFKHDGKYYVLLGAQDAETKSGHIDIYESDDLKTWHENGYLDLGKDEMGYMIECPNLVFVNNYPVLIFCPQ
GLDKAISDYQNIYPNMYWIGKDINLNEAKFTPLQSHPANLDDGFDVYATQAFNAPDGNAYAISWVGLPDCTYPTDKENWA
NCYSQVKRLEIKDGALYQHPVDAIKNLRHNETQLNDEKIISQKAGKQYELKLYLAAGQAGKLHLASNDDLSASLVIDFNT
AQDAKLTIDRASSGPAVNPDYGATRTIGLNDNEDLDLDIFVDGSLCEIFINDGRHVATLRFFARSSNQKIAFDKDTKYTG
RLWSMNSIL
;
_entity_poly.pdbx_strand_id   A
#
# COMPACT_ATOMS: atom_id res chain seq x y z
N GLU A 2 -19.26 -0.19 15.59
CA GLU A 2 -20.76 -0.27 15.75
C GLU A 2 -21.41 -1.35 14.82
N TRP A 3 -20.78 -1.78 13.70
CA TRP A 3 -21.27 -2.88 12.80
C TRP A 3 -21.02 -4.22 13.49
N THR A 4 -22.01 -5.07 13.67
CA THR A 4 -21.78 -6.31 14.43
C THR A 4 -21.08 -7.31 13.52
N ARG A 5 -20.58 -8.40 14.09
CA ARG A 5 -20.05 -9.54 13.32
C ARG A 5 -21.09 -10.00 12.30
N GLU A 6 -22.33 -10.24 12.76
CA GLU A 6 -23.42 -10.69 11.88
C GLU A 6 -23.56 -9.74 10.70
N GLN A 7 -23.56 -8.44 10.89
CA GLN A 7 -23.73 -7.50 9.74
C GLN A 7 -22.53 -7.58 8.77
N ARG A 8 -21.31 -7.67 9.28
CA ARG A 8 -20.06 -7.70 8.47
CA ARG A 8 -20.07 -7.70 8.45
C ARG A 8 -20.02 -8.97 7.61
N TYR A 9 -20.61 -10.08 8.11
CA TYR A 9 -20.47 -11.38 7.44
C TYR A 9 -21.74 -11.76 6.70
N ARG A 10 -22.76 -10.94 6.69
CA ARG A 10 -23.95 -11.23 5.88
C ARG A 10 -23.49 -11.37 4.42
N LYS A 11 -24.00 -12.36 3.74
CA LYS A 11 -23.58 -12.63 2.32
C LYS A 11 -23.98 -11.48 1.39
N TYR A 12 -23.21 -11.28 0.34
CA TYR A 12 -23.55 -10.19 -0.58
C TYR A 12 -24.98 -10.33 -1.15
N LYS A 13 -25.46 -11.54 -1.38
CA LYS A 13 -26.82 -11.81 -1.93
C LYS A 13 -27.90 -11.36 -0.95
N ASP A 14 -27.57 -11.14 0.33
CA ASP A 14 -28.58 -10.71 1.32
C ASP A 14 -28.66 -9.19 1.36
N TRP A 15 -27.80 -8.45 0.63
CA TRP A 15 -27.94 -7.00 0.42
C TRP A 15 -28.79 -6.77 -0.84
N ASP A 16 -29.52 -5.69 -0.88
CA ASP A 16 -30.28 -5.35 -2.07
C ASP A 16 -29.40 -4.52 -3.04
N ALA A 17 -29.75 -4.59 -4.33
CA ALA A 17 -28.95 -3.90 -5.39
C ALA A 17 -29.14 -2.39 -5.32
N GLN A 18 -30.30 -1.90 -4.88
CA GLN A 18 -30.52 -0.43 -4.75
C GLN A 18 -29.50 0.12 -3.75
N THR A 19 -29.26 -0.58 -2.64
CA THR A 19 -28.29 -0.14 -1.62
C THR A 19 -26.90 -0.03 -2.27
N LEU A 20 -26.54 -1.04 -3.05
CA LEU A 20 -25.22 -1.07 -3.68
C LEU A 20 -25.08 0.10 -4.69
N LEU A 21 -26.07 0.33 -5.53
CA LEU A 21 -26.02 1.46 -6.48
C LEU A 21 -25.91 2.79 -5.72
N ASP A 22 -26.65 2.93 -4.63
CA ASP A 22 -26.60 4.18 -3.82
C ASP A 22 -25.20 4.36 -3.24
N LEU A 23 -24.58 3.26 -2.79
CA LEU A 23 -23.23 3.31 -2.22
C LEU A 23 -22.20 3.67 -3.28
N GLN A 24 -22.40 3.24 -4.52
CA GLN A 24 -21.44 3.55 -5.61
C GLN A 24 -21.49 5.05 -5.85
N ALA A 25 -22.71 5.62 -5.90
CA ALA A 25 -22.91 7.07 -6.10
C ALA A 25 -22.22 7.83 -4.96
N GLN A 26 -22.43 7.39 -3.71
CA GLN A 26 -21.94 8.11 -2.53
C GLN A 26 -20.41 8.11 -2.54
N ALA A 27 -19.78 6.99 -2.86
CA ALA A 27 -18.32 6.88 -2.89
C ALA A 27 -17.80 7.76 -4.02
N ALA A 28 -18.38 7.63 -5.22
CA ALA A 28 -17.77 8.29 -6.42
C ALA A 28 -17.89 9.80 -6.28
N THR A 29 -18.97 10.31 -5.68
CA THR A 29 -19.26 11.75 -5.63
C THR A 29 -18.77 12.36 -4.32
N SER A 30 -18.02 11.63 -3.47
CA SER A 30 -17.49 12.22 -2.23
C SER A 30 -16.59 13.39 -2.58
N PRO A 31 -16.68 14.52 -1.87
CA PRO A 31 -15.73 15.59 -2.15
C PRO A 31 -14.31 15.20 -1.69
N TYR A 32 -14.14 14.09 -0.96
CA TYR A 32 -12.82 13.58 -0.53
C TYR A 32 -12.33 12.44 -1.42
N GLN A 33 -13.01 12.16 -2.53
CA GLN A 33 -12.60 11.04 -3.39
C GLN A 33 -11.32 11.40 -4.15
N MET A 34 -10.53 10.36 -4.42
CA MET A 34 -9.34 10.43 -5.29
C MET A 34 -9.83 10.26 -6.73
N HIS A 35 -9.23 10.96 -7.70
CA HIS A 35 -9.58 10.83 -9.12
C HIS A 35 -8.35 10.55 -9.98
N TYR A 36 -7.16 10.27 -9.44
CA TYR A 36 -6.10 9.67 -10.28
C TYR A 36 -5.36 8.56 -9.54
N HIS A 37 -5.99 8.02 -8.49
CA HIS A 37 -5.52 6.84 -7.76
C HIS A 37 -6.71 5.88 -7.68
N ILE A 38 -6.41 4.62 -7.65
CA ILE A 38 -7.42 3.57 -7.39
C ILE A 38 -8.11 3.81 -6.05
N HIS A 39 -9.42 3.69 -6.11
CA HIS A 39 -10.31 3.90 -4.95
C HIS A 39 -11.44 2.91 -5.10
N PRO A 40 -12.15 2.60 -4.02
CA PRO A 40 -13.28 1.69 -4.12
C PRO A 40 -14.39 2.27 -4.99
N LEU A 41 -15.05 1.42 -5.76
CA LEU A 41 -16.31 1.85 -6.39
CA LEU A 41 -16.34 1.77 -6.40
C LEU A 41 -17.40 1.96 -5.31
N SER A 42 -17.34 1.14 -4.27
CA SER A 42 -18.22 1.28 -3.10
C SER A 42 -17.53 0.65 -1.90
N GLY A 43 -17.88 1.12 -0.71
CA GLY A 43 -17.45 0.46 0.53
C GLY A 43 -15.95 0.58 0.73
N LEU A 44 -15.34 -0.48 1.22
CA LEU A 44 -13.93 -0.46 1.71
C LEU A 44 -13.02 -1.22 0.78
N LEU A 45 -11.86 -0.59 0.54
CA LEU A 45 -10.72 -1.23 -0.17
C LEU A 45 -9.63 -1.48 0.86
N ASN A 46 -8.96 -2.62 0.74
CA ASN A 46 -7.69 -2.80 1.50
C ASN A 46 -6.67 -3.45 0.55
N ASP A 47 -5.83 -4.31 1.10
CA ASP A 47 -4.60 -4.85 0.47
C ASP A 47 -4.71 -5.02 -1.03
N PRO A 48 -3.72 -4.51 -1.77
CA PRO A 48 -3.49 -4.89 -3.14
C PRO A 48 -3.17 -6.39 -3.23
N ASN A 49 -3.70 -7.02 -4.27
CA ASN A 49 -3.54 -8.48 -4.50
C ASN A 49 -3.24 -8.75 -5.96
N GLY A 50 -2.56 -9.82 -6.28
CA GLY A 50 -2.44 -10.28 -7.66
C GLY A 50 -1.76 -9.27 -8.55
N PHE A 51 -0.93 -8.39 -8.01
CA PHE A 51 -0.23 -7.37 -8.84
C PHE A 51 0.71 -8.09 -9.83
N SER A 52 0.57 -7.88 -11.11
CA SER A 52 1.15 -8.76 -12.14
C SER A 52 1.17 -8.09 -13.50
N TYR A 53 1.87 -8.76 -14.40
CA TYR A 53 1.76 -8.49 -15.84
C TYR A 53 1.28 -9.79 -16.48
N TYR A 54 0.23 -9.69 -17.28
CA TYR A 54 -0.42 -10.87 -17.90
C TYR A 54 -1.16 -10.44 -19.15
N ASN A 55 -1.00 -11.26 -20.21
CA ASN A 55 -1.82 -11.09 -21.43
C ASN A 55 -1.72 -9.64 -21.94
N GLY A 56 -0.53 -9.04 -22.02
CA GLY A 56 -0.38 -7.73 -22.68
C GLY A 56 -0.68 -6.53 -21.78
N GLU A 57 -1.03 -6.74 -20.50
CA GLU A 57 -1.27 -5.56 -19.67
C GLU A 57 -0.89 -5.83 -18.22
N TYR A 58 -0.89 -4.75 -17.45
CA TYR A 58 -0.72 -4.85 -15.98
C TYR A 58 -2.07 -5.17 -15.35
N HIS A 59 -2.03 -6.01 -14.35
CA HIS A 59 -3.20 -6.43 -13.57
C HIS A 59 -3.00 -6.05 -12.10
N LEU A 60 -4.07 -5.64 -11.46
CA LEU A 60 -4.09 -5.41 -10.00
C LEU A 60 -5.48 -5.78 -9.49
N PHE A 61 -5.49 -6.55 -8.43
CA PHE A 61 -6.70 -6.95 -7.71
C PHE A 61 -6.64 -6.28 -6.34
N CYS A 62 -7.80 -6.29 -5.68
CA CYS A 62 -7.99 -5.52 -4.46
C CYS A 62 -8.86 -6.33 -3.51
N GLN A 63 -8.47 -6.38 -2.24
CA GLN A 63 -9.40 -6.77 -1.15
C GLN A 63 -10.53 -5.72 -1.10
N SER A 64 -11.79 -6.16 -1.10
CA SER A 64 -13.01 -5.32 -1.20
C SER A 64 -14.05 -5.83 -0.24
N TYR A 65 -14.69 -4.92 0.46
CA TYR A 65 -16.01 -5.17 1.08
C TYR A 65 -16.90 -4.05 0.56
N PRO A 66 -17.83 -4.34 -0.37
CA PRO A 66 -18.50 -3.24 -1.09
C PRO A 66 -19.64 -2.53 -0.34
N PHE A 67 -20.04 -2.98 0.85
CA PHE A 67 -21.28 -2.49 1.48
C PHE A 67 -21.11 -1.50 2.61
N GLY A 68 -19.86 -1.11 2.93
CA GLY A 68 -19.65 -0.07 3.93
C GLY A 68 -18.20 0.12 4.27
N PRO A 69 -17.90 1.03 5.21
CA PRO A 69 -16.51 1.43 5.48
C PRO A 69 -15.81 0.54 6.50
N VAL A 70 -16.06 -0.79 6.43
CA VAL A 70 -15.68 -1.75 7.50
C VAL A 70 -15.12 -3.00 6.83
N HIS A 71 -14.40 -3.81 7.61
CA HIS A 71 -13.80 -5.06 7.11
C HIS A 71 -14.87 -6.13 7.13
N GLY A 72 -15.88 -6.00 6.29
CA GLY A 72 -16.85 -7.07 6.06
C GLY A 72 -16.29 -8.18 5.19
N VAL A 73 -17.11 -9.16 4.94
CA VAL A 73 -16.59 -10.40 4.28
C VAL A 73 -16.02 -10.10 2.88
N LYS A 74 -14.77 -10.50 2.70
CA LYS A 74 -13.93 -9.94 1.63
C LYS A 74 -14.02 -10.72 0.31
N SER A 75 -13.86 -9.94 -0.77
CA SER A 75 -13.74 -10.45 -2.13
C SER A 75 -12.54 -9.79 -2.79
N TRP A 76 -12.08 -10.36 -3.90
CA TRP A 76 -11.11 -9.66 -4.81
C TRP A 76 -11.93 -8.94 -5.88
N ILE A 77 -11.57 -7.71 -6.22
CA ILE A 77 -11.99 -7.03 -7.46
C ILE A 77 -10.74 -6.84 -8.32
N HIS A 78 -10.96 -6.57 -9.58
CA HIS A 78 -9.93 -6.58 -10.63
C HIS A 78 -9.90 -5.30 -11.44
N PHE A 79 -8.70 -4.78 -11.62
CA PHE A 79 -8.39 -3.63 -12.48
C PHE A 79 -7.24 -4.03 -13.43
N ALA A 80 -7.17 -3.40 -14.59
CA ALA A 80 -6.02 -3.58 -15.49
C ALA A 80 -5.62 -2.23 -16.08
N SER A 81 -4.40 -2.18 -16.58
CA SER A 81 -3.88 -0.93 -17.17
CA SER A 81 -3.83 -0.94 -17.11
C SER A 81 -2.78 -1.25 -18.15
N PRO A 82 -2.56 -0.33 -19.11
CA PRO A 82 -1.43 -0.47 -20.02
C PRO A 82 -0.14 0.09 -19.41
N ASP A 83 -0.25 0.97 -18.42
CA ASP A 83 0.89 1.87 -18.10
C ASP A 83 1.05 2.07 -16.59
N LEU A 84 0.30 1.32 -15.75
CA LEU A 84 0.39 1.43 -14.28
C LEU A 84 -0.22 2.73 -13.79
N VAL A 85 -0.97 3.44 -14.64
CA VAL A 85 -1.61 4.73 -14.26
C VAL A 85 -3.09 4.72 -14.65
N HIS A 86 -3.39 4.41 -15.90
CA HIS A 86 -4.77 4.47 -16.40
C HIS A 86 -5.40 3.11 -16.14
N TRP A 87 -6.10 2.96 -15.05
CA TRP A 87 -6.65 1.66 -14.65
C TRP A 87 -8.08 1.63 -15.16
N HIS A 88 -8.57 0.45 -15.55
CA HIS A 88 -10.00 0.29 -15.87
C HIS A 88 -10.51 -0.88 -15.02
N TYR A 89 -11.72 -0.75 -14.60
CA TYR A 89 -12.37 -1.73 -13.71
C TYR A 89 -12.90 -2.94 -14.46
N LEU A 90 -12.55 -4.15 -13.98
CA LEU A 90 -13.01 -5.41 -14.58
C LEU A 90 -13.95 -6.16 -13.66
N GLY A 91 -14.33 -5.55 -12.53
CA GLY A 91 -15.35 -6.08 -11.64
C GLY A 91 -14.82 -7.09 -10.65
N PRO A 92 -15.74 -7.70 -9.88
CA PRO A 92 -15.36 -8.73 -8.92
C PRO A 92 -14.72 -9.97 -9.57
N ALA A 93 -13.72 -10.53 -8.91
CA ALA A 93 -12.87 -11.60 -9.42
C ALA A 93 -13.05 -12.85 -8.58
N ILE A 94 -12.89 -12.75 -7.26
CA ILE A 94 -13.03 -13.89 -6.34
C ILE A 94 -13.99 -13.52 -5.21
N ASP A 95 -15.04 -14.30 -5.06
CA ASP A 95 -16.05 -14.13 -4.02
C ASP A 95 -15.85 -15.15 -2.90
N PRO A 96 -16.33 -14.79 -1.68
CA PRO A 96 -16.35 -15.74 -0.56
C PRO A 96 -17.57 -16.66 -0.66
N ASP A 97 -17.57 -17.51 -1.66
CA ASP A 97 -18.78 -18.24 -2.12
C ASP A 97 -18.59 -19.75 -2.05
N SER A 98 -17.50 -20.25 -1.46
CA SER A 98 -17.21 -21.71 -1.36
C SER A 98 -16.87 -22.05 0.09
N ASP A 99 -16.79 -23.32 0.42
CA ASP A 99 -16.38 -23.76 1.77
C ASP A 99 -14.98 -23.20 2.09
N LEU A 100 -14.04 -23.28 1.14
CA LEU A 100 -12.64 -22.86 1.39
C LEU A 100 -12.53 -21.38 1.80
N ASP A 101 -13.43 -20.52 1.33
CA ASP A 101 -13.33 -19.05 1.49
C ASP A 101 -14.64 -18.50 2.02
N ASN A 102 -15.34 -19.29 2.83
CA ASN A 102 -16.73 -18.93 3.23
C ASN A 102 -16.76 -17.64 4.07
N ALA A 103 -15.66 -17.26 4.70
CA ALA A 103 -15.57 -16.05 5.54
C ALA A 103 -14.47 -15.14 4.97
N GLY A 104 -14.25 -15.24 3.67
CA GLY A 104 -13.40 -14.24 2.98
C GLY A 104 -12.47 -14.90 1.98
N ALA A 105 -12.26 -14.20 0.88
CA ALA A 105 -11.17 -14.45 -0.10
C ALA A 105 -10.12 -13.44 0.30
N TYR A 106 -9.20 -13.87 1.15
CA TYR A 106 -8.15 -13.00 1.72
C TYR A 106 -7.04 -12.78 0.68
N SER A 107 -6.00 -12.14 1.12
CA SER A 107 -5.01 -11.61 0.16
C SER A 107 -4.23 -12.73 -0.53
N GLY A 108 -3.50 -12.33 -1.59
CA GLY A 108 -2.69 -13.26 -2.35
C GLY A 108 -2.03 -12.58 -3.53
N SER A 109 -1.51 -13.41 -4.40
CA SER A 109 -0.56 -13.03 -5.46
C SER A 109 -1.00 -13.62 -6.79
N ALA A 110 -0.25 -13.22 -7.87
CA ALA A 110 -0.55 -13.75 -9.21
C ALA A 110 0.75 -14.17 -9.89
N MET A 111 0.72 -15.32 -10.56
CA MET A 111 1.91 -15.77 -11.32
C MET A 111 1.41 -16.35 -12.65
N GLU A 112 1.97 -15.87 -13.75
CA GLU A 112 1.66 -16.41 -15.08
C GLU A 112 2.15 -17.86 -15.12
N HIS A 113 1.37 -18.73 -15.73
CA HIS A 113 1.73 -20.16 -15.91
C HIS A 113 1.01 -20.71 -17.15
N ASN A 114 1.81 -21.06 -18.15
CA ASN A 114 1.35 -21.73 -19.40
C ASN A 114 0.14 -20.99 -19.96
N GLY A 115 0.21 -19.65 -20.09
CA GLY A 115 -0.83 -18.86 -20.79
C GLY A 115 -2.01 -18.47 -19.92
N LYS A 116 -2.00 -18.84 -18.65
CA LYS A 116 -3.03 -18.50 -17.64
C LYS A 116 -2.37 -17.68 -16.54
N LEU A 117 -3.18 -17.05 -15.72
CA LEU A 117 -2.68 -16.31 -14.55
C LEU A 117 -3.18 -17.05 -13.31
N LEU A 118 -2.28 -17.62 -12.56
CA LEU A 118 -2.67 -18.31 -11.32
C LEU A 118 -2.83 -17.27 -10.23
N LEU A 119 -3.91 -17.37 -9.51
CA LEU A 119 -4.22 -16.41 -8.43
C LEU A 119 -4.19 -17.25 -7.16
N MET A 120 -3.16 -17.07 -6.37
CA MET A 120 -2.99 -17.85 -5.13
C MET A 120 -3.37 -16.95 -3.95
N TYR A 121 -4.34 -17.40 -3.17
CA TYR A 121 -4.95 -16.54 -2.12
C TYR A 121 -5.28 -17.41 -0.91
N THR A 122 -5.51 -16.77 0.19
CA THR A 122 -5.94 -17.46 1.41
C THR A 122 -7.46 -17.52 1.45
N GLY A 123 -7.98 -18.71 1.59
CA GLY A 123 -9.38 -18.88 1.95
C GLY A 123 -9.49 -18.75 3.44
N ASN A 124 -10.32 -17.83 3.89
CA ASN A 124 -10.56 -17.57 5.30
C ASN A 124 -11.79 -18.39 5.62
N HIS A 125 -11.61 -19.65 5.97
CA HIS A 125 -12.76 -20.54 6.33
C HIS A 125 -13.10 -20.30 7.78
N ARG A 126 -14.38 -20.28 8.11
CA ARG A 126 -14.84 -20.37 9.51
C ARG A 126 -15.77 -21.57 9.62
N ASP A 127 -15.46 -22.43 10.58
CA ASP A 127 -16.15 -23.74 10.69
C ASP A 127 -17.44 -23.52 11.49
N GLU A 128 -18.10 -24.61 11.84
CA GLU A 128 -19.39 -24.62 12.61
C GLU A 128 -19.29 -23.75 13.86
N ASP A 129 -18.13 -23.69 14.50
CA ASP A 129 -17.93 -23.00 15.79
C ASP A 129 -17.31 -21.60 15.58
N TRP A 130 -17.24 -21.11 14.35
CA TRP A 130 -16.53 -19.87 13.97
C TRP A 130 -15.02 -20.00 14.28
N THR A 131 -14.47 -21.21 14.25
CA THR A 131 -13.01 -21.38 14.32
C THR A 131 -12.44 -21.08 12.95
N ARG A 132 -11.40 -20.27 12.89
CA ARG A 132 -10.75 -19.93 11.60
C ARG A 132 -9.84 -21.06 11.15
N ILE A 133 -9.97 -21.53 9.92
CA ILE A 133 -9.05 -22.50 9.30
C ILE A 133 -8.56 -21.86 8.01
N PRO A 134 -7.31 -21.39 7.96
CA PRO A 134 -6.81 -20.78 6.73
C PRO A 134 -6.36 -21.84 5.72
N TYR A 135 -6.87 -21.74 4.51
CA TYR A 135 -6.47 -22.58 3.36
C TYR A 135 -5.76 -21.74 2.32
N GLN A 136 -4.74 -22.26 1.69
CA GLN A 136 -4.10 -21.57 0.52
C GLN A 136 -4.68 -22.21 -0.73
N VAL A 137 -5.27 -21.41 -1.62
CA VAL A 137 -6.05 -21.85 -2.79
C VAL A 137 -5.36 -21.30 -4.03
N ILE A 138 -5.24 -22.11 -5.08
CA ILE A 138 -4.72 -21.61 -6.39
C ILE A 138 -5.87 -21.60 -7.40
N ALA A 139 -6.40 -20.42 -7.68
CA ALA A 139 -7.42 -20.26 -8.73
C ALA A 139 -6.71 -19.89 -10.04
N GLU A 140 -7.45 -19.86 -11.14
CA GLU A 140 -6.84 -19.67 -12.46
C GLU A 140 -7.68 -18.69 -13.28
N MET A 141 -7.03 -17.71 -13.87
CA MET A 141 -7.69 -16.75 -14.75
C MET A 141 -7.18 -16.96 -16.17
N ASP A 142 -8.09 -16.83 -17.13
CA ASP A 142 -7.81 -17.01 -18.56
C ASP A 142 -7.65 -15.66 -19.23
N GLU A 143 -7.47 -15.72 -20.53
CA GLU A 143 -7.15 -14.53 -21.34
C GLU A 143 -8.40 -13.62 -21.50
N ASN A 144 -9.57 -14.06 -21.10
CA ASN A 144 -10.76 -13.18 -21.06
C ASN A 144 -11.04 -12.66 -19.63
N ASN A 145 -10.12 -12.85 -18.69
CA ASN A 145 -10.23 -12.33 -17.33
C ASN A 145 -11.28 -13.13 -16.60
N HIS A 146 -11.51 -14.38 -16.98
CA HIS A 146 -12.49 -15.26 -16.31
C HIS A 146 -11.78 -16.25 -15.39
N ILE A 147 -12.31 -16.46 -14.19
CA ILE A 147 -11.59 -17.15 -13.11
C ILE A 147 -12.31 -18.46 -12.78
N THR A 148 -11.55 -19.52 -12.60
CA THR A 148 -12.12 -20.76 -12.07
C THR A 148 -11.39 -21.09 -10.78
N LYS A 149 -12.11 -21.66 -9.84
CA LYS A 149 -11.56 -21.91 -8.51
C LYS A 149 -11.66 -23.40 -8.25
N PRO A 150 -10.64 -24.05 -7.65
CA PRO A 150 -10.70 -25.50 -7.38
C PRO A 150 -11.56 -25.75 -6.13
N ASP A 151 -11.83 -27.01 -5.89
CA ASP A 151 -12.63 -27.58 -4.77
CA ASP A 151 -12.63 -27.40 -4.70
C ASP A 151 -11.70 -27.87 -3.58
N ALA A 152 -10.39 -27.96 -3.83
CA ALA A 152 -9.43 -28.30 -2.74
C ALA A 152 -8.29 -27.29 -2.63
N ALA A 153 -7.79 -27.15 -1.41
CA ALA A 153 -6.70 -26.25 -1.06
C ALA A 153 -5.40 -26.82 -1.61
N ALA A 154 -4.46 -25.96 -1.98
CA ALA A 154 -3.10 -26.35 -2.34
C ALA A 154 -2.29 -26.65 -1.08
N ILE A 155 -2.46 -25.84 -0.04
CA ILE A 155 -1.71 -25.94 1.24
C ILE A 155 -2.69 -25.89 2.42
N LEU A 156 -2.74 -26.98 3.17
CA LEU A 156 -3.49 -27.09 4.45
C LEU A 156 -2.58 -26.61 5.59
N PRO A 157 -3.14 -25.99 6.64
CA PRO A 157 -2.32 -25.40 7.71
C PRO A 157 -1.62 -26.45 8.56
N PRO A 158 -0.30 -26.36 8.66
CA PRO A 158 0.44 -27.32 9.46
C PRO A 158 0.16 -27.11 10.96
N GLU A 159 0.53 -28.09 11.79
CA GLU A 159 0.15 -28.10 13.23
C GLU A 159 0.90 -26.99 13.98
N HIS A 160 2.08 -26.61 13.51
CA HIS A 160 2.97 -25.68 14.26
C HIS A 160 2.64 -24.19 14.03
N VAL A 161 1.67 -23.84 13.16
CA VAL A 161 1.18 -22.46 13.03
C VAL A 161 -0.20 -22.32 13.71
N SER A 162 -0.49 -21.11 14.17
CA SER A 162 -1.81 -20.78 14.75
C SER A 162 -2.79 -20.57 13.60
N GLU A 163 -3.95 -19.97 13.88
CA GLU A 163 -4.98 -19.66 12.85
C GLU A 163 -4.46 -18.61 11.87
N HIS A 164 -3.38 -17.91 12.23
CA HIS A 164 -2.80 -16.82 11.40
C HIS A 164 -1.74 -17.37 10.47
N PHE A 165 -2.07 -17.53 9.21
CA PHE A 165 -1.25 -18.28 8.24
C PHE A 165 -1.83 -17.99 6.87
N ARG A 166 -1.29 -16.95 6.24
CA ARG A 166 -2.01 -16.32 5.11
C ARG A 166 -1.14 -15.45 4.21
N ASP A 167 -1.72 -14.98 3.12
CA ASP A 167 -1.14 -13.94 2.23
C ASP A 167 -0.03 -14.53 1.36
N PRO A 168 -0.31 -15.60 0.60
CA PRO A 168 0.74 -16.32 -0.14
C PRO A 168 1.27 -15.47 -1.29
N GLN A 169 2.58 -15.42 -1.43
CA GLN A 169 3.26 -14.96 -2.64
C GLN A 169 3.80 -16.19 -3.38
N LEU A 170 3.21 -16.48 -4.54
CA LEU A 170 3.62 -17.58 -5.47
C LEU A 170 4.51 -17.03 -6.58
N PHE A 171 5.68 -17.62 -6.79
CA PHE A 171 6.57 -17.16 -7.89
C PHE A 171 7.48 -18.31 -8.29
N LYS A 172 8.18 -18.07 -9.39
CA LYS A 172 9.12 -19.07 -9.93
C LYS A 172 10.51 -18.51 -9.79
N HIS A 173 11.46 -19.31 -9.30
CA HIS A 173 12.85 -18.85 -9.04
C HIS A 173 13.81 -20.04 -9.18
N ASP A 174 14.84 -19.89 -10.00
CA ASP A 174 15.83 -20.98 -10.24
C ASP A 174 15.13 -22.28 -10.62
N GLY A 175 14.12 -22.22 -11.47
CA GLY A 175 13.46 -23.39 -12.07
C GLY A 175 12.57 -24.10 -11.10
N LYS A 176 12.31 -23.55 -9.89
CA LYS A 176 11.33 -24.16 -8.96
C LYS A 176 10.23 -23.14 -8.60
N TYR A 177 9.17 -23.62 -7.99
CA TYR A 177 8.08 -22.75 -7.53
C TYR A 177 8.21 -22.60 -6.03
N TYR A 178 7.99 -21.39 -5.55
CA TYR A 178 8.02 -21.04 -4.12
C TYR A 178 6.74 -20.30 -3.73
N VAL A 179 6.39 -20.48 -2.47
CA VAL A 179 5.30 -19.71 -1.84
C VAL A 179 5.86 -19.18 -0.54
N LEU A 180 5.73 -17.87 -0.30
CA LEU A 180 6.00 -17.22 0.97
C LEU A 180 4.66 -16.93 1.63
N LEU A 181 4.52 -17.28 2.89
CA LEU A 181 3.26 -17.05 3.67
C LEU A 181 3.59 -16.31 4.95
N GLY A 182 2.71 -15.40 5.36
CA GLY A 182 2.80 -14.82 6.70
C GLY A 182 2.32 -15.85 7.72
N ALA A 183 3.05 -16.02 8.81
CA ALA A 183 2.76 -17.13 9.73
C ALA A 183 2.98 -16.65 11.16
N GLN A 184 2.10 -17.09 12.05
CA GLN A 184 2.34 -16.97 13.50
C GLN A 184 2.65 -18.37 14.04
N ASP A 185 3.76 -18.52 14.71
CA ASP A 185 4.15 -19.81 15.35
C ASP A 185 3.15 -20.08 16.49
N ALA A 186 2.60 -21.28 16.54
CA ALA A 186 1.56 -21.61 17.54
C ALA A 186 2.16 -21.52 18.96
N GLU A 187 3.40 -21.91 19.15
CA GLU A 187 4.00 -22.06 20.51
C GLU A 187 4.52 -20.70 20.97
N THR A 188 5.27 -19.98 20.14
CA THR A 188 5.89 -18.70 20.56
C THR A 188 4.95 -17.53 20.30
N LYS A 189 3.96 -17.64 19.39
CA LYS A 189 3.11 -16.50 18.97
C LYS A 189 3.98 -15.41 18.31
N SER A 190 5.07 -15.83 17.67
CA SER A 190 6.02 -14.94 16.94
CA SER A 190 5.95 -14.88 16.95
C SER A 190 5.64 -14.91 15.45
N GLY A 191 5.97 -13.82 14.80
CA GLY A 191 5.72 -13.65 13.36
C GLY A 191 6.85 -14.18 12.50
N HIS A 192 6.50 -14.85 11.39
CA HIS A 192 7.47 -15.44 10.48
C HIS A 192 7.00 -15.38 9.04
N ILE A 193 7.95 -15.55 8.14
CA ILE A 193 7.64 -15.82 6.73
C ILE A 193 7.90 -17.31 6.53
N ASP A 194 6.87 -18.10 6.24
CA ASP A 194 7.04 -19.54 6.02
C ASP A 194 7.24 -19.78 4.52
N ILE A 195 8.20 -20.61 4.17
CA ILE A 195 8.55 -20.94 2.77
C ILE A 195 8.07 -22.35 2.44
N TYR A 196 7.38 -22.46 1.33
CA TYR A 196 7.00 -23.72 0.67
C TYR A 196 7.63 -23.74 -0.71
N GLU A 197 7.92 -24.96 -1.18
CA GLU A 197 8.48 -25.16 -2.53
C GLU A 197 7.78 -26.32 -3.22
N SER A 198 7.77 -26.27 -4.55
CA SER A 198 7.14 -27.30 -5.39
C SER A 198 7.88 -27.36 -6.72
N ASP A 199 7.98 -28.55 -7.26
CA ASP A 199 8.52 -28.71 -8.63
C ASP A 199 7.38 -28.58 -9.63
N ASP A 200 6.10 -28.73 -9.27
CA ASP A 200 5.01 -28.93 -10.26
C ASP A 200 3.73 -28.15 -9.96
N LEU A 201 3.68 -27.46 -8.85
CA LEU A 201 2.52 -26.69 -8.35
C LEU A 201 1.45 -27.63 -7.80
N LYS A 202 1.70 -28.92 -7.74
CA LYS A 202 0.71 -29.92 -7.26
C LYS A 202 1.03 -30.38 -5.82
N THR A 203 2.28 -30.76 -5.57
CA THR A 203 2.79 -31.16 -4.26
C THR A 203 3.67 -30.03 -3.71
N TRP A 204 3.39 -29.65 -2.48
CA TRP A 204 4.11 -28.56 -1.77
C TRP A 204 4.92 -29.13 -0.60
N HIS A 205 6.16 -28.70 -0.45
CA HIS A 205 7.06 -29.07 0.65
C HIS A 205 7.33 -27.82 1.52
N GLU A 206 7.13 -27.91 2.84
CA GLU A 206 7.38 -26.78 3.77
C GLU A 206 8.87 -26.70 4.04
N ASN A 207 9.55 -25.67 3.60
CA ASN A 207 11.00 -25.53 3.90
C ASN A 207 11.18 -24.90 5.29
N GLY A 208 10.17 -24.26 5.84
CA GLY A 208 10.22 -23.70 7.20
C GLY A 208 10.35 -22.18 7.22
N TYR A 209 10.49 -21.64 8.43
CA TYR A 209 10.47 -20.17 8.59
C TYR A 209 11.76 -19.62 7.99
N LEU A 210 11.65 -18.56 7.22
CA LEU A 210 12.86 -17.81 6.79
C LEU A 210 13.61 -17.27 8.02
N ASP A 211 14.91 -17.51 8.10
CA ASP A 211 15.73 -17.10 9.27
C ASP A 211 16.04 -15.63 9.11
N LEU A 212 15.35 -14.77 9.88
CA LEU A 212 15.53 -13.30 9.89
C LEU A 212 16.28 -12.86 11.16
N GLY A 213 17.01 -13.77 11.78
CA GLY A 213 17.87 -13.48 12.94
C GLY A 213 17.18 -13.86 14.21
N LYS A 214 17.80 -13.52 15.33
CA LYS A 214 17.30 -14.00 16.63
C LYS A 214 16.18 -13.09 17.15
N ASP A 215 16.04 -11.86 16.66
CA ASP A 215 14.98 -10.95 17.20
C ASP A 215 13.63 -11.24 16.50
N GLU A 216 12.58 -11.29 17.30
CA GLU A 216 11.20 -11.55 16.83
C GLU A 216 10.77 -10.44 15.88
N MET A 217 10.01 -10.79 14.85
CA MET A 217 9.37 -9.85 13.90
C MET A 217 7.92 -9.76 14.31
N GLY A 218 7.63 -9.17 15.46
CA GLY A 218 6.25 -9.06 15.94
C GLY A 218 5.60 -10.41 16.21
N TYR A 219 4.27 -10.40 16.31
CA TYR A 219 3.46 -11.57 16.64
C TYR A 219 2.85 -12.15 15.37
N MET A 220 2.94 -11.43 14.25
CA MET A 220 2.38 -11.92 12.97
C MET A 220 3.01 -11.12 11.84
N ILE A 221 3.31 -11.79 10.74
CA ILE A 221 3.73 -11.05 9.51
C ILE A 221 2.63 -11.16 8.49
N GLU A 222 2.03 -10.03 8.13
CA GLU A 222 1.05 -9.94 7.06
C GLU A 222 1.74 -9.53 5.76
N CYS A 223 1.17 -9.95 4.64
CA CYS A 223 1.56 -9.45 3.29
C CYS A 223 3.05 -9.51 3.05
N PRO A 224 3.71 -10.67 3.16
CA PRO A 224 5.14 -10.78 2.84
C PRO A 224 5.34 -10.81 1.32
N ASN A 225 6.41 -10.18 0.90
CA ASN A 225 6.81 -10.14 -0.50
C ASN A 225 8.33 -10.24 -0.61
N LEU A 226 8.82 -11.03 -1.56
CA LEU A 226 10.21 -11.03 -1.99
C LEU A 226 10.26 -10.47 -3.39
N VAL A 227 10.99 -9.39 -3.58
CA VAL A 227 11.21 -8.91 -4.97
C VAL A 227 12.69 -8.68 -5.16
N PHE A 228 13.16 -8.85 -6.37
CA PHE A 228 14.58 -8.66 -6.70
C PHE A 228 14.69 -7.25 -7.26
N VAL A 229 15.50 -6.41 -6.62
CA VAL A 229 15.63 -4.99 -7.02
C VAL A 229 17.12 -4.73 -7.28
N ASN A 230 17.51 -4.42 -8.52
CA ASN A 230 18.95 -4.24 -8.88
C ASN A 230 19.78 -5.45 -8.39
N ASN A 231 19.18 -6.64 -8.48
CA ASN A 231 19.79 -7.96 -8.19
C ASN A 231 19.84 -8.29 -6.69
N TYR A 232 19.36 -7.42 -5.80
CA TYR A 232 19.29 -7.71 -4.37
C TYR A 232 17.95 -8.31 -4.04
N PRO A 233 17.88 -9.34 -3.20
CA PRO A 233 16.59 -9.80 -2.68
C PRO A 233 16.08 -8.80 -1.63
N VAL A 234 14.86 -8.30 -1.82
CA VAL A 234 14.26 -7.33 -0.88
C VAL A 234 12.97 -7.93 -0.33
N LEU A 235 12.88 -8.02 0.97
CA LEU A 235 11.63 -8.36 1.65
C LEU A 235 10.81 -7.10 1.87
N ILE A 236 9.52 -7.16 1.63
CA ILE A 236 8.55 -6.10 2.01
C ILE A 236 7.43 -6.79 2.77
N PHE A 237 7.15 -6.39 3.99
CA PHE A 237 6.29 -7.19 4.87
C PHE A 237 5.74 -6.32 5.98
N CYS A 238 4.72 -6.85 6.66
CA CYS A 238 4.00 -6.13 7.71
C CYS A 238 4.10 -6.90 9.03
N PRO A 239 5.12 -6.61 9.89
CA PRO A 239 5.25 -7.30 11.17
C PRO A 239 4.44 -6.58 12.30
N GLN A 240 3.22 -7.03 12.48
CA GLN A 240 2.33 -6.53 13.52
C GLN A 240 2.97 -6.78 14.87
N GLY A 241 2.98 -5.77 15.73
CA GLY A 241 3.59 -5.89 17.06
C GLY A 241 5.09 -5.81 17.04
N LEU A 242 5.71 -5.43 15.93
CA LEU A 242 7.19 -5.25 15.90
C LEU A 242 7.64 -4.39 17.09
N ASP A 243 8.67 -4.87 17.78
CA ASP A 243 9.28 -4.14 18.91
C ASP A 243 9.94 -2.88 18.33
N LYS A 244 9.60 -1.70 18.85
CA LYS A 244 10.22 -0.47 18.28
C LYS A 244 11.72 -0.38 18.60
N ALA A 245 12.22 -1.22 19.50
CA ALA A 245 13.69 -1.34 19.69
C ALA A 245 14.36 -1.68 18.35
N ILE A 246 13.67 -2.43 17.49
CA ILE A 246 14.29 -2.88 16.21
C ILE A 246 14.30 -1.70 15.24
N SER A 247 13.16 -1.04 15.13
CA SER A 247 12.97 0.16 14.27
C SER A 247 11.84 1.03 14.82
N ASP A 248 12.06 2.33 14.87
CA ASP A 248 11.00 3.28 15.23
C ASP A 248 9.94 3.19 14.12
N TYR A 249 8.69 3.34 14.52
CA TYR A 249 7.56 3.55 13.58
C TYR A 249 6.48 4.19 14.43
N GLN A 250 5.56 4.92 13.81
CA GLN A 250 4.51 5.59 14.60
C GLN A 250 3.12 5.04 14.25
N ASN A 251 2.94 4.39 13.10
CA ASN A 251 1.62 3.85 12.74
C ASN A 251 1.28 2.65 13.63
N ILE A 252 0.02 2.30 13.73
CA ILE A 252 -0.44 1.20 14.60
C ILE A 252 0.34 -0.10 14.29
N TYR A 253 0.51 -0.44 13.02
CA TYR A 253 1.26 -1.61 12.50
C TYR A 253 2.14 -1.09 11.38
N PRO A 254 3.41 -1.52 11.32
CA PRO A 254 4.35 -1.01 10.34
C PRO A 254 4.40 -1.85 9.08
N ASN A 255 4.85 -1.19 8.01
CA ASN A 255 5.12 -1.86 6.71
C ASN A 255 6.61 -1.67 6.49
N MET A 256 7.39 -2.75 6.67
CA MET A 256 8.86 -2.67 6.66
C MET A 256 9.39 -3.22 5.34
N TYR A 257 10.65 -2.91 5.06
CA TYR A 257 11.38 -3.61 4.03
C TYR A 257 12.74 -4.01 4.62
N TRP A 258 13.36 -5.00 4.00
CA TRP A 258 14.70 -5.46 4.47
C TRP A 258 15.46 -5.90 3.23
N ILE A 259 16.56 -5.22 2.90
CA ILE A 259 17.39 -5.63 1.75
C ILE A 259 18.34 -6.72 2.24
N GLY A 260 18.46 -7.79 1.46
CA GLY A 260 19.41 -8.88 1.66
C GLY A 260 20.59 -8.76 0.69
N LYS A 261 21.73 -9.28 1.09
CA LYS A 261 22.84 -9.55 0.12
C LYS A 261 22.45 -10.80 -0.67
N ASP A 262 21.73 -11.72 -0.04
CA ASP A 262 21.46 -13.04 -0.67
C ASP A 262 20.33 -13.70 0.08
N ILE A 263 19.62 -14.55 -0.63
CA ILE A 263 18.53 -15.33 0.00
C ILE A 263 18.66 -16.75 -0.56
N ASN A 264 18.40 -17.74 0.28
CA ASN A 264 18.41 -19.14 -0.20
C ASN A 264 17.09 -19.77 0.27
N LEU A 265 16.13 -19.86 -0.62
CA LEU A 265 14.76 -20.25 -0.24
C LEU A 265 14.72 -21.76 0.03
N ASN A 266 15.64 -22.51 -0.53
CA ASN A 266 15.73 -23.98 -0.24
C ASN A 266 16.08 -24.22 1.23
N GLU A 267 17.00 -23.45 1.79
CA GLU A 267 17.56 -23.61 3.17
C GLU A 267 16.90 -22.61 4.14
N ALA A 268 15.94 -21.80 3.67
CA ALA A 268 15.26 -20.77 4.50
C ALA A 268 16.28 -19.82 5.10
N LYS A 269 17.25 -19.36 4.30
CA LYS A 269 18.35 -18.45 4.75
C LYS A 269 18.17 -17.08 4.09
N PHE A 270 18.34 -16.03 4.88
CA PHE A 270 18.43 -14.65 4.39
C PHE A 270 19.72 -14.03 4.93
N THR A 271 20.55 -13.45 4.06
CA THR A 271 21.79 -12.79 4.48
C THR A 271 21.50 -11.30 4.40
N PRO A 272 21.29 -10.60 5.52
CA PRO A 272 20.91 -9.20 5.47
C PRO A 272 22.04 -8.30 4.95
N LEU A 273 21.65 -7.29 4.18
CA LEU A 273 22.57 -6.18 3.81
C LEU A 273 22.45 -5.14 4.92
N GLN A 274 21.24 -4.66 5.16
CA GLN A 274 20.91 -3.75 6.28
C GLN A 274 20.96 -4.56 7.58
N SER A 275 21.50 -3.95 8.65
CA SER A 275 21.50 -4.59 9.97
C SER A 275 20.07 -4.77 10.50
N HIS A 276 19.17 -3.85 10.12
CA HIS A 276 17.78 -3.81 10.62
C HIS A 276 16.84 -3.54 9.44
N PRO A 277 15.60 -4.01 9.50
CA PRO A 277 14.57 -3.59 8.55
C PRO A 277 14.26 -2.11 8.77
N ALA A 278 13.71 -1.45 7.76
CA ALA A 278 13.37 -0.01 7.78
C ALA A 278 11.93 0.17 7.37
N ASN A 279 11.33 1.31 7.75
CA ASN A 279 9.97 1.64 7.30
C ASN A 279 9.99 1.86 5.78
N LEU A 280 9.05 1.25 5.06
CA LEU A 280 8.92 1.50 3.62
C LEU A 280 8.47 2.96 3.42
N ASP A 281 7.52 3.39 4.22
CA ASP A 281 6.87 4.72 4.11
C ASP A 281 6.93 5.39 5.48
N ASP A 282 7.40 6.63 5.50
CA ASP A 282 7.58 7.43 6.72
C ASP A 282 6.31 8.20 7.07
N GLY A 283 5.19 8.00 6.36
CA GLY A 283 3.98 8.79 6.60
C GLY A 283 3.01 8.10 7.53
N PHE A 284 1.72 8.36 7.32
CA PHE A 284 0.70 8.10 8.35
C PHE A 284 -0.15 6.89 8.02
N ASP A 285 -0.17 6.39 6.77
CA ASP A 285 -1.29 5.51 6.36
C ASP A 285 -0.94 4.32 5.46
N VAL A 286 0.31 4.11 5.12
CA VAL A 286 0.66 3.00 4.17
C VAL A 286 0.74 1.64 4.85
N TYR A 287 0.12 0.61 4.23
CA TYR A 287 0.13 -0.75 4.76
C TYR A 287 0.01 -1.72 3.58
N ALA A 288 0.32 -2.98 3.82
CA ALA A 288 0.00 -4.12 2.97
C ALA A 288 0.57 -3.87 1.57
N THR A 289 1.74 -3.27 1.47
CA THR A 289 2.38 -3.10 0.15
C THR A 289 2.55 -4.47 -0.54
N GLN A 290 2.25 -4.54 -1.83
CA GLN A 290 2.57 -5.70 -2.70
C GLN A 290 3.51 -5.25 -3.77
N ALA A 291 4.44 -6.13 -4.11
CA ALA A 291 5.42 -5.83 -5.16
C ALA A 291 5.61 -7.06 -6.06
N PHE A 292 6.07 -6.83 -7.29
CA PHE A 292 6.38 -7.92 -8.21
C PHE A 292 7.46 -7.47 -9.19
N ASN A 293 8.12 -8.46 -9.76
CA ASN A 293 9.17 -8.32 -10.82
C ASN A 293 8.45 -8.41 -12.17
N ALA A 294 8.42 -7.30 -12.90
CA ALA A 294 7.75 -7.14 -14.20
C ALA A 294 8.69 -7.55 -15.33
N PRO A 295 8.14 -7.88 -16.49
CA PRO A 295 8.98 -8.36 -17.60
C PRO A 295 9.86 -7.30 -18.26
N ASP A 296 9.61 -6.06 -17.94
CA ASP A 296 10.48 -4.94 -18.42
C ASP A 296 11.74 -4.90 -17.58
N GLY A 297 11.89 -5.76 -16.58
CA GLY A 297 13.08 -5.74 -15.73
C GLY A 297 12.99 -4.79 -14.53
N ASN A 298 11.85 -4.17 -14.27
CA ASN A 298 11.64 -3.32 -13.06
C ASN A 298 10.85 -4.12 -12.02
N ALA A 299 11.06 -3.78 -10.76
CA ALA A 299 10.22 -4.18 -9.63
C ALA A 299 9.30 -3.03 -9.32
N TYR A 300 8.02 -3.33 -9.18
CA TYR A 300 6.96 -2.32 -8.92
C TYR A 300 6.23 -2.67 -7.65
N ALA A 301 5.83 -1.63 -6.92
CA ALA A 301 5.09 -1.83 -5.66
C ALA A 301 3.90 -0.91 -5.65
N ILE A 302 2.86 -1.38 -4.96
CA ILE A 302 1.72 -0.47 -4.69
C ILE A 302 1.18 -0.78 -3.31
N SER A 303 0.68 0.25 -2.64
CA SER A 303 0.35 0.20 -1.20
C SER A 303 -1.12 0.47 -0.98
N TRP A 304 -1.70 -0.21 0.00
CA TRP A 304 -2.96 0.22 0.60
C TRP A 304 -2.72 1.53 1.39
N VAL A 305 -3.46 2.59 1.11
CA VAL A 305 -3.44 3.78 1.98
C VAL A 305 -4.64 3.64 2.92
N GLY A 306 -4.37 3.15 4.11
CA GLY A 306 -5.34 2.78 5.13
C GLY A 306 -4.73 1.75 6.07
N LEU A 307 -5.15 1.74 7.33
CA LEU A 307 -4.54 0.88 8.33
C LEU A 307 -5.61 0.06 8.98
N PRO A 308 -5.29 -1.17 9.34
CA PRO A 308 -6.22 -2.00 10.13
C PRO A 308 -6.47 -1.36 11.49
N ASP A 309 -7.65 -1.66 12.05
CA ASP A 309 -8.02 -1.27 13.42
C ASP A 309 -8.07 0.23 13.57
N CYS A 310 -8.27 0.98 12.48
CA CYS A 310 -8.26 2.46 12.48
C CYS A 310 -9.57 2.97 11.90
N THR A 311 -9.87 4.24 12.08
CA THR A 311 -11.08 4.92 11.59
C THR A 311 -10.69 6.16 10.84
N TYR A 312 -11.62 6.62 10.00
CA TYR A 312 -11.40 7.82 9.18
C TYR A 312 -12.64 8.70 9.14
N PRO A 313 -12.47 10.00 8.87
CA PRO A 313 -13.58 10.95 8.76
C PRO A 313 -14.61 10.61 7.67
N THR A 314 -14.19 9.90 6.61
CA THR A 314 -15.07 9.49 5.49
C THR A 314 -15.91 8.27 5.88
N ASP A 315 -15.69 7.68 7.06
CA ASP A 315 -16.50 6.49 7.45
C ASP A 315 -17.98 6.85 7.37
N LYS A 316 -18.38 8.06 7.75
CA LYS A 316 -19.81 8.42 7.74
C LYS A 316 -20.33 8.52 6.29
N GLU A 317 -19.45 8.56 5.27
CA GLU A 317 -19.86 8.56 3.84
C GLU A 317 -19.92 7.11 3.32
N ASN A 318 -19.68 6.10 4.17
CA ASN A 318 -19.88 4.69 3.79
C ASN A 318 -18.88 4.20 2.78
N TRP A 319 -17.69 4.78 2.70
CA TRP A 319 -16.63 4.17 1.89
C TRP A 319 -15.31 4.38 2.60
N ALA A 320 -14.27 3.62 2.21
CA ALA A 320 -12.97 3.75 2.91
C ALA A 320 -11.82 3.41 2.00
N ASN A 321 -10.84 4.29 2.11
CA ASN A 321 -9.43 4.08 1.74
C ASN A 321 -9.19 4.20 0.24
N CYS A 322 -7.93 4.04 -0.17
CA CYS A 322 -7.51 4.10 -1.56
C CYS A 322 -6.14 3.42 -1.67
N TYR A 323 -5.55 3.44 -2.86
CA TYR A 323 -4.16 2.97 -3.06
C TYR A 323 -3.25 4.16 -3.29
N SER A 324 -1.98 3.86 -3.10
CA SER A 324 -0.89 4.73 -3.52
C SER A 324 -0.81 4.69 -5.03
N GLN A 325 0.01 5.56 -5.60
CA GLN A 325 0.44 5.35 -6.99
C GLN A 325 1.45 4.20 -6.97
N VAL A 326 1.68 3.65 -8.15
CA VAL A 326 2.70 2.58 -8.32
C VAL A 326 4.07 3.21 -8.14
N LYS A 327 4.95 2.48 -7.45
CA LYS A 327 6.32 2.95 -7.21
C LYS A 327 7.26 1.97 -7.89
N ARG A 328 8.16 2.48 -8.68
CA ARG A 328 9.25 1.69 -9.23
C ARG A 328 10.36 1.67 -8.19
N LEU A 329 10.90 0.51 -7.89
CA LEU A 329 11.89 0.32 -6.80
C LEU A 329 13.30 0.37 -7.34
N GLU A 330 14.22 0.79 -6.50
CA GLU A 330 15.64 0.87 -6.84
C GLU A 330 16.41 0.65 -5.55
N ILE A 331 17.56 0.01 -5.61
CA ILE A 331 18.44 0.00 -4.42
C ILE A 331 19.56 0.96 -4.75
N LYS A 332 19.80 1.90 -3.84
CA LYS A 332 20.93 2.82 -4.02
C LYS A 332 21.53 3.05 -2.64
N ASP A 333 22.86 2.98 -2.56
CA ASP A 333 23.57 3.30 -1.30
C ASP A 333 22.94 2.44 -0.17
N GLY A 334 22.61 1.19 -0.44
CA GLY A 334 22.11 0.26 0.59
C GLY A 334 20.74 0.61 1.13
N ALA A 335 19.96 1.42 0.41
CA ALA A 335 18.59 1.79 0.84
C ALA A 335 17.63 1.58 -0.33
N LEU A 336 16.35 1.39 0.01
CA LEU A 336 15.31 1.24 -1.00
C LEU A 336 14.83 2.64 -1.39
N TYR A 337 14.90 2.97 -2.67
CA TYR A 337 14.31 4.19 -3.23
C TYR A 337 13.02 3.77 -3.94
N GLN A 338 12.06 4.67 -3.96
CA GLN A 338 10.73 4.50 -4.55
C GLN A 338 10.46 5.68 -5.48
N HIS A 339 10.14 5.41 -6.74
CA HIS A 339 9.91 6.45 -7.77
C HIS A 339 8.53 6.32 -8.40
N PRO A 340 7.86 7.47 -8.60
CA PRO A 340 6.73 7.50 -9.50
C PRO A 340 7.08 6.85 -10.83
N VAL A 341 6.10 6.16 -11.44
CA VAL A 341 6.35 5.59 -12.78
C VAL A 341 6.34 6.71 -13.80
N ASP A 342 7.10 6.53 -14.88
CA ASP A 342 7.25 7.63 -15.87
C ASP A 342 5.92 8.00 -16.51
N ALA A 343 4.99 7.06 -16.65
CA ALA A 343 3.65 7.34 -17.19
C ALA A 343 2.84 8.35 -16.37
N ILE A 344 3.08 8.51 -15.06
CA ILE A 344 2.25 9.45 -14.28
C ILE A 344 2.48 10.89 -14.76
N LYS A 345 3.58 11.19 -15.43
CA LYS A 345 3.82 12.53 -16.01
C LYS A 345 2.75 12.89 -17.04
N ASN A 346 2.10 11.89 -17.65
CA ASN A 346 1.12 12.12 -18.73
C ASN A 346 -0.13 12.78 -18.13
N LEU A 347 -0.31 12.79 -16.80
CA LEU A 347 -1.49 13.42 -16.22
C LEU A 347 -1.28 14.94 -16.04
N ARG A 348 -0.06 15.41 -16.18
CA ARG A 348 0.27 16.81 -15.88
C ARG A 348 -0.33 17.78 -16.91
N HIS A 349 -0.82 18.91 -16.46
CA HIS A 349 -1.24 20.00 -17.36
C HIS A 349 -1.08 21.34 -16.62
N ASN A 350 -1.12 22.42 -17.38
CA ASN A 350 -1.09 23.80 -16.84
C ASN A 350 0.21 24.01 -16.01
N GLU A 351 1.35 23.68 -16.56
CA GLU A 351 2.63 23.83 -15.86
C GLU A 351 2.84 25.29 -15.46
N THR A 352 3.28 25.50 -14.21
CA THR A 352 3.73 26.80 -13.68
C THR A 352 5.17 26.63 -13.23
N GLN A 353 6.06 27.54 -13.67
CA GLN A 353 7.46 27.59 -13.20
C GLN A 353 7.51 28.43 -11.93
N LEU A 354 8.30 28.00 -10.97
CA LEU A 354 8.40 28.62 -9.63
C LEU A 354 9.87 28.95 -9.38
N ASN A 355 10.11 30.15 -8.88
CA ASN A 355 11.47 30.60 -8.47
CA ASN A 355 11.46 30.62 -8.50
C ASN A 355 11.28 31.56 -7.30
N ASP A 356 11.47 31.05 -6.09
CA ASP A 356 11.52 31.89 -4.87
C ASP A 356 10.17 32.52 -4.52
N GLU A 357 9.04 32.18 -5.14
CA GLU A 357 7.74 32.82 -4.80
C GLU A 357 7.24 32.29 -3.44
N LYS A 358 6.93 33.17 -2.50
CA LYS A 358 6.42 32.68 -1.19
C LYS A 358 5.04 32.06 -1.40
N ILE A 359 4.13 32.70 -2.12
CA ILE A 359 2.81 32.10 -2.40
C ILE A 359 2.92 31.39 -3.76
N ILE A 360 2.84 30.07 -3.73
CA ILE A 360 2.95 29.25 -4.97
C ILE A 360 1.61 29.33 -5.71
N SER A 361 0.52 29.18 -4.98
CA SER A 361 -0.85 29.26 -5.55
C SER A 361 -1.82 29.77 -4.51
N GLN A 362 -2.69 30.71 -4.89
CA GLN A 362 -3.79 31.11 -3.97
CA GLN A 362 -3.82 31.14 -4.02
C GLN A 362 -4.85 30.00 -3.95
N LYS A 363 -4.91 29.18 -4.99
CA LYS A 363 -5.97 28.17 -5.10
C LYS A 363 -5.51 27.16 -6.15
N ALA A 364 -4.98 26.04 -5.69
CA ALA A 364 -4.28 25.11 -6.60
C ALA A 364 -5.17 24.02 -7.20
N GLY A 365 -6.42 23.90 -6.79
CA GLY A 365 -7.32 22.78 -7.13
C GLY A 365 -7.00 21.58 -6.21
N LYS A 366 -7.65 20.48 -6.46
CA LYS A 366 -7.64 19.30 -5.57
C LYS A 366 -6.66 18.25 -6.09
N GLN A 367 -6.09 18.39 -7.31
CA GLN A 367 -5.27 17.33 -7.93
C GLN A 367 -4.07 18.04 -8.55
N TYR A 368 -2.92 17.84 -7.96
CA TYR A 368 -1.70 18.50 -8.49
C TYR A 368 -0.47 17.72 -8.09
N GLU A 369 0.62 18.07 -8.80
CA GLU A 369 1.98 17.64 -8.48
C GLU A 369 2.81 18.91 -8.31
N LEU A 370 3.56 18.97 -7.23
CA LEU A 370 4.44 20.13 -6.89
C LEU A 370 5.82 19.54 -6.70
N LYS A 371 6.76 19.96 -7.54
CA LYS A 371 8.12 19.44 -7.44
C LYS A 371 9.05 20.61 -7.15
N LEU A 372 9.80 20.52 -6.05
CA LEU A 372 10.60 21.65 -5.50
C LEU A 372 12.04 21.20 -5.30
N TYR A 373 12.95 22.12 -5.54
CA TYR A 373 14.39 22.01 -5.19
C TYR A 373 14.71 23.16 -4.23
N LEU A 374 14.94 22.86 -2.98
CA LEU A 374 15.11 23.88 -1.89
C LEU A 374 16.55 23.90 -1.47
N ALA A 375 17.10 25.11 -1.33
CA ALA A 375 18.52 25.26 -1.01
C ALA A 375 18.79 24.77 0.42
N ALA A 376 20.01 24.31 0.63
CA ALA A 376 20.60 24.07 1.97
C ALA A 376 20.60 25.36 2.81
N GLY A 377 20.65 25.22 4.12
CA GLY A 377 20.84 26.34 5.05
C GLY A 377 19.57 27.06 5.41
N GLN A 378 18.39 26.46 5.31
CA GLN A 378 17.10 27.17 5.42
C GLN A 378 16.22 26.46 6.43
N ALA A 379 15.24 27.16 6.97
CA ALA A 379 14.21 26.56 7.83
C ALA A 379 12.91 27.30 7.59
N GLY A 380 11.81 26.57 7.61
CA GLY A 380 10.53 27.23 7.38
C GLY A 380 9.46 26.19 7.23
N LYS A 381 8.32 26.62 6.77
CA LYS A 381 7.17 25.71 6.63
C LYS A 381 6.55 25.92 5.28
N LEU A 382 6.21 24.84 4.61
CA LEU A 382 5.43 24.86 3.35
C LEU A 382 4.01 24.41 3.75
N HIS A 383 3.03 25.22 3.46
CA HIS A 383 1.61 24.90 3.72
C HIS A 383 0.94 24.43 2.42
N LEU A 384 0.27 23.29 2.45
CA LEU A 384 -0.52 22.75 1.30
C LEU A 384 -1.97 22.68 1.76
N ALA A 385 -2.91 22.72 0.83
CA ALA A 385 -4.35 22.55 1.14
C ALA A 385 -4.71 23.53 2.27
N SER A 386 -4.27 24.78 2.13
CA SER A 386 -4.29 25.78 3.22
C SER A 386 -5.45 26.75 3.04
N ASN A 387 -5.93 27.24 4.17
CA ASN A 387 -6.71 28.48 4.23
C ASN A 387 -5.78 29.68 4.02
N ASP A 388 -6.37 30.87 3.95
CA ASP A 388 -5.59 32.07 3.57
C ASP A 388 -4.56 32.41 4.65
N ASP A 389 -4.92 32.23 5.92
CA ASP A 389 -4.09 32.71 7.05
C ASP A 389 -3.11 31.61 7.49
N LEU A 390 -3.08 30.45 6.82
CA LEU A 390 -2.09 29.36 7.02
C LEU A 390 -2.33 28.67 8.37
N SER A 391 -3.49 28.82 8.95
CA SER A 391 -3.77 28.25 10.27
C SER A 391 -4.38 26.89 10.14
N ALA A 392 -4.85 26.57 8.95
CA ALA A 392 -5.43 25.26 8.64
C ALA A 392 -4.77 24.75 7.35
N SER A 393 -3.97 23.69 7.42
CA SER A 393 -3.18 23.27 6.26
C SER A 393 -2.52 21.94 6.58
N LEU A 394 -1.99 21.30 5.54
CA LEU A 394 -0.98 20.26 5.75
CA LEU A 394 -0.96 20.26 5.67
C LEU A 394 0.38 20.96 5.77
N VAL A 395 1.12 20.75 6.82
CA VAL A 395 2.39 21.48 7.01
C VAL A 395 3.55 20.56 6.69
N ILE A 396 4.48 21.05 5.88
CA ILE A 396 5.80 20.40 5.73
C ILE A 396 6.83 21.34 6.34
N ASP A 397 7.24 21.01 7.57
CA ASP A 397 8.19 21.86 8.33
C ASP A 397 9.57 21.35 7.95
N PHE A 398 10.39 22.19 7.32
CA PHE A 398 11.69 21.74 6.82
C PHE A 398 12.80 22.55 7.48
N ASN A 399 13.94 21.87 7.59
CA ASN A 399 15.23 22.45 8.01
C ASN A 399 16.28 21.73 7.18
N THR A 400 17.03 22.46 6.39
CA THR A 400 18.13 21.96 5.54
C THR A 400 19.44 22.57 6.06
N ALA A 401 19.44 23.03 7.31
CA ALA A 401 20.58 23.71 7.98
C ALA A 401 21.21 22.72 8.99
N GLN A 402 21.44 23.15 10.24
CA GLN A 402 22.31 22.35 11.13
C GLN A 402 21.49 21.31 11.90
N ASP A 403 20.19 21.36 11.93
CA ASP A 403 19.53 20.18 12.58
C ASP A 403 18.52 19.63 11.58
N ALA A 404 19.01 19.15 10.43
CA ALA A 404 18.16 19.02 9.23
C ALA A 404 17.11 17.93 9.48
N LYS A 405 15.89 18.20 9.06
CA LYS A 405 14.80 17.22 9.14
C LYS A 405 13.55 17.77 8.48
N LEU A 406 12.60 16.88 8.19
CA LEU A 406 11.28 17.22 7.66
C LEU A 406 10.28 16.72 8.68
N THR A 407 9.32 17.55 9.06
CA THR A 407 8.22 17.11 9.92
C THR A 407 6.95 17.39 9.14
N ILE A 408 6.10 16.39 8.96
CA ILE A 408 4.85 16.56 8.26
C ILE A 408 3.78 16.58 9.34
N ASP A 409 3.02 17.65 9.40
CA ASP A 409 2.04 17.84 10.49
C ASP A 409 0.66 18.00 9.88
N ARG A 410 -0.27 17.10 10.16
CA ARG A 410 -1.63 17.17 9.58
C ARG A 410 -2.65 17.59 10.63
N ALA A 411 -2.24 17.99 11.82
CA ALA A 411 -3.18 18.31 12.95
C ALA A 411 -4.18 19.40 12.52
N SER A 412 -3.79 20.42 11.79
CA SER A 412 -4.69 21.57 11.51
C SER A 412 -5.34 21.39 10.14
N SER A 413 -5.10 20.29 9.45
CA SER A 413 -5.53 20.13 8.03
C SER A 413 -7.05 19.94 7.97
N GLY A 414 -7.64 19.39 9.01
CA GLY A 414 -9.07 19.06 8.99
C GLY A 414 -9.35 18.24 10.23
N PRO A 415 -10.42 17.45 10.23
CA PRO A 415 -10.73 16.64 11.40
C PRO A 415 -9.58 15.68 11.72
N ALA A 416 -9.51 15.28 12.97
CA ALA A 416 -8.48 14.38 13.48
C ALA A 416 -8.51 13.04 12.72
N VAL A 417 -7.33 12.48 12.49
CA VAL A 417 -7.17 11.17 11.82
C VAL A 417 -6.30 10.27 12.70
N ASN A 418 -6.92 9.28 13.32
CA ASN A 418 -6.21 8.31 14.19
C ASN A 418 -5.22 9.05 15.08
N PRO A 419 -5.69 10.04 15.85
CA PRO A 419 -4.78 10.90 16.61
C PRO A 419 -4.01 10.20 17.75
N ASP A 420 -4.44 9.01 18.19
CA ASP A 420 -3.68 8.20 19.18
C ASP A 420 -2.32 7.81 18.59
N TYR A 421 -2.13 7.85 17.27
CA TYR A 421 -0.86 7.49 16.62
C TYR A 421 -0.15 8.74 16.11
N GLY A 422 -0.56 9.90 16.61
CA GLY A 422 0.20 11.15 16.40
C GLY A 422 -0.27 11.92 15.17
N ALA A 423 -0.03 13.22 15.16
CA ALA A 423 -0.42 14.09 14.03
C ALA A 423 0.82 14.58 13.31
N THR A 424 2.00 14.10 13.71
CA THR A 424 3.26 14.45 13.00
C THR A 424 4.05 13.18 12.67
N ARG A 425 4.84 13.27 11.58
CA ARG A 425 5.79 12.24 11.20
C ARG A 425 7.09 12.99 10.86
N THR A 426 8.23 12.48 11.28
CA THR A 426 9.50 13.19 11.11
C THR A 426 10.46 12.31 10.31
N ILE A 427 11.19 12.91 9.41
CA ILE A 427 12.19 12.22 8.57
C ILE A 427 13.48 13.02 8.77
N GLY A 428 14.50 12.38 9.31
CA GLY A 428 15.82 12.99 9.44
C GLY A 428 16.37 13.30 8.06
N LEU A 429 17.07 14.41 7.90
CA LEU A 429 17.79 14.76 6.65
C LEU A 429 19.27 15.02 6.95
N ASN A 430 20.11 15.01 5.94
CA ASN A 430 21.55 15.36 6.12
C ASN A 430 21.68 16.87 6.37
N ASP A 431 22.43 17.24 7.39
CA ASP A 431 22.64 18.64 7.70
C ASP A 431 23.28 19.33 6.49
N ASN A 432 22.87 20.56 6.26
CA ASN A 432 23.44 21.55 5.30
C ASN A 432 23.43 20.96 3.89
N GLU A 433 22.38 20.25 3.53
CA GLU A 433 22.20 19.74 2.18
C GLU A 433 20.90 20.29 1.60
N ASP A 434 20.92 20.39 0.29
CA ASP A 434 19.74 20.69 -0.56
CA ASP A 434 19.71 20.74 -0.49
C ASP A 434 18.66 19.62 -0.35
N LEU A 435 17.43 19.96 -0.66
CA LEU A 435 16.23 19.11 -0.47
C LEU A 435 15.37 19.10 -1.75
N ASP A 436 15.08 17.90 -2.25
CA ASP A 436 14.10 17.67 -3.35
C ASP A 436 12.82 17.17 -2.72
N LEU A 437 11.69 17.72 -3.18
CA LEU A 437 10.34 17.21 -2.85
C LEU A 437 9.55 17.05 -4.15
N ASP A 438 8.85 15.94 -4.27
CA ASP A 438 7.88 15.75 -5.36
C ASP A 438 6.57 15.31 -4.70
N ILE A 439 5.62 16.22 -4.68
CA ILE A 439 4.43 16.08 -3.81
C ILE A 439 3.24 15.89 -4.71
N PHE A 440 2.45 14.84 -4.48
CA PHE A 440 1.24 14.57 -5.26
C PHE A 440 0.05 14.70 -4.32
N VAL A 441 -0.88 15.55 -4.69
CA VAL A 441 -2.14 15.74 -3.95
C VAL A 441 -3.25 15.24 -4.84
N ASP A 442 -4.16 14.50 -4.26
CA ASP A 442 -5.32 13.94 -4.97
C ASP A 442 -6.43 13.81 -3.96
N GLY A 443 -7.36 14.75 -3.96
CA GLY A 443 -8.49 14.63 -3.02
C GLY A 443 -8.01 14.61 -1.55
N SER A 444 -8.23 13.52 -0.84
CA SER A 444 -7.83 13.30 0.57
C SER A 444 -6.56 12.44 0.67
N LEU A 445 -5.70 12.48 -0.37
CA LEU A 445 -4.43 11.73 -0.37
C LEU A 445 -3.29 12.67 -0.67
N CYS A 446 -2.19 12.51 0.05
CA CYS A 446 -0.96 13.27 -0.26
C CYS A 446 0.16 12.24 -0.24
N GLU A 447 1.04 12.27 -1.22
CA GLU A 447 2.26 11.43 -1.29
C GLU A 447 3.45 12.37 -1.51
N ILE A 448 4.39 12.32 -0.59
CA ILE A 448 5.59 13.21 -0.62
C ILE A 448 6.82 12.33 -0.86
N PHE A 449 7.42 12.47 -2.02
CA PHE A 449 8.67 11.77 -2.38
C PHE A 449 9.82 12.74 -2.06
N ILE A 450 10.69 12.29 -1.18
CA ILE A 450 11.74 13.13 -0.55
C ILE A 450 13.11 12.72 -1.11
N ASN A 451 13.88 13.69 -1.59
CA ASN A 451 15.26 13.46 -2.08
C ASN A 451 15.25 12.35 -3.13
N ASP A 452 14.37 12.53 -4.12
CA ASP A 452 14.32 11.69 -5.33
CA ASP A 452 14.24 11.70 -5.34
C ASP A 452 13.96 10.25 -4.92
N GLY A 453 13.11 10.09 -3.93
CA GLY A 453 12.59 8.78 -3.51
C GLY A 453 13.37 8.08 -2.41
N ARG A 454 14.37 8.74 -1.81
CA ARG A 454 15.07 8.15 -0.66
C ARG A 454 14.04 7.86 0.44
N HIS A 455 13.07 8.74 0.62
CA HIS A 455 11.97 8.48 1.57
C HIS A 455 10.66 8.85 0.90
N VAL A 456 9.59 8.25 1.37
CA VAL A 456 8.25 8.57 0.85
C VAL A 456 7.39 8.70 2.11
N ALA A 457 6.58 9.75 2.18
CA ALA A 457 5.58 9.95 3.24
C ALA A 457 4.21 10.06 2.56
N THR A 458 3.33 9.15 2.93
CA THR A 458 1.99 9.02 2.35
C THR A 458 0.97 9.14 3.47
N LEU A 459 -0.09 9.89 3.24
CA LEU A 459 -1.10 10.18 4.30
C LEU A 459 -2.46 10.54 3.68
N ARG A 460 -3.49 10.24 4.44
CA ARG A 460 -4.82 10.82 4.27
C ARG A 460 -4.91 12.17 4.99
N PHE A 461 -5.72 13.06 4.43
CA PHE A 461 -6.05 14.33 5.11
C PHE A 461 -7.35 14.81 4.51
N PHE A 462 -8.12 15.55 5.32
CA PHE A 462 -9.52 15.91 4.99
C PHE A 462 -9.73 17.41 5.06
N ALA A 463 -9.16 18.16 4.13
CA ALA A 463 -9.24 19.63 4.15
C ALA A 463 -10.62 20.13 3.67
N ARG A 464 -11.10 21.23 4.21
CA ARG A 464 -12.31 21.95 3.61
C ARG A 464 -12.05 22.13 2.12
N SER A 465 -13.08 22.06 1.28
CA SER A 465 -12.95 22.17 -0.19
C SER A 465 -12.32 23.51 -0.55
N SER A 466 -12.60 24.58 0.16
CA SER A 466 -12.06 25.90 -0.23
C SER A 466 -10.58 26.10 0.22
N ASN A 467 -9.96 25.15 0.96
CA ASN A 467 -8.56 25.29 1.47
C ASN A 467 -7.64 24.72 0.40
N GLN A 468 -7.18 25.56 -0.53
CA GLN A 468 -6.38 25.06 -1.67
C GLN A 468 -5.13 25.89 -1.82
N LYS A 469 -4.83 26.75 -0.85
CA LYS A 469 -3.62 27.57 -0.97
C LYS A 469 -2.35 26.74 -0.78
N ILE A 470 -1.29 27.16 -1.48
CA ILE A 470 0.06 26.60 -1.32
C ILE A 470 0.99 27.80 -1.08
N ALA A 471 1.69 27.80 0.04
CA ALA A 471 2.58 28.90 0.42
C ALA A 471 3.57 28.49 1.48
N PHE A 472 4.74 29.09 1.35
CA PHE A 472 5.77 29.11 2.39
C PHE A 472 5.36 30.19 3.41
N ASP A 473 5.73 29.98 4.66
CA ASP A 473 5.47 31.04 5.66
C ASP A 473 6.47 32.18 5.54
N LYS A 474 7.67 31.93 5.06
CA LYS A 474 8.76 32.94 5.00
C LYS A 474 9.37 32.89 3.61
N ASP A 475 10.11 33.93 3.24
CA ASP A 475 10.83 33.93 1.95
C ASP A 475 11.80 32.78 1.98
N THR A 476 11.79 31.96 0.95
CA THR A 476 12.50 30.67 0.85
C THR A 476 13.18 30.66 -0.53
N LYS A 477 14.41 30.22 -0.62
CA LYS A 477 15.12 30.07 -1.89
C LYS A 477 14.82 28.68 -2.45
N TYR A 478 14.23 28.60 -3.62
CA TYR A 478 13.87 27.32 -4.23
C TYR A 478 13.51 27.56 -5.69
N THR A 479 13.58 26.48 -6.46
CA THR A 479 13.02 26.40 -7.82
C THR A 479 12.03 25.24 -7.84
N GLY A 480 11.09 25.28 -8.75
CA GLY A 480 10.19 24.10 -8.90
C GLY A 480 9.19 24.29 -10.02
N ARG A 481 8.18 23.43 -10.01
CA ARG A 481 7.11 23.44 -11.01
C ARG A 481 5.87 22.98 -10.28
N LEU A 482 4.75 23.48 -10.69
CA LEU A 482 3.44 23.03 -10.19
C LEU A 482 2.67 22.61 -11.44
N TRP A 483 2.09 21.42 -11.43
CA TRP A 483 1.19 20.96 -12.50
C TRP A 483 -0.16 20.57 -11.90
N SER A 484 -1.23 20.89 -12.58
CA SER A 484 -2.50 20.19 -12.33
C SER A 484 -2.38 18.74 -12.82
N MET A 485 -3.20 17.86 -12.22
CA MET A 485 -3.16 16.44 -12.57
C MET A 485 -4.58 16.04 -13.02
N ASN A 486 -4.70 15.54 -14.25
CA ASN A 486 -6.04 15.25 -14.81
C ASN A 486 -6.73 14.09 -14.10
N SER A 487 -8.03 14.18 -13.97
CA SER A 487 -8.85 13.06 -13.44
C SER A 487 -8.89 11.94 -14.48
N ILE A 488 -8.76 10.71 -14.00
CA ILE A 488 -8.83 9.51 -14.87
C ILE A 488 -9.67 8.42 -14.23
N LEU A 489 -10.00 8.54 -12.95
CA LEU A 489 -10.75 7.50 -12.19
C LEU A 489 -11.80 8.14 -11.31
#